data_1M6K
#
_entry.id   1M6K
#
_cell.length_a   36.02
_cell.length_b   51.62
_cell.length_c   72.89
_cell.angle_alpha   70.19
_cell.angle_beta   84.11
_cell.angle_gamma   81.51
#
_symmetry.space_group_name_H-M   'P 1'
#
loop_
_entity.id
_entity.type
_entity.pdbx_description
1 polymer 'beta-lactamase OXA-1'
2 non-polymer (4S)-2-METHYL-2,4-PENTANEDIOL
3 water water
#
_entity_poly.entity_id   1
_entity_poly.type   'polypeptide(L)'
_entity_poly.pdbx_seq_one_letter_code
;STDISTVASPLFEGTEGCFLLYDASTNAEIAQFNKAKCATQMAPDSTF(KCX)IALSLMAFDAEIIDQKTIFKWDKTPKG
MEIWNSNHTPKTWMQFSVVWVSQEITQKIGLNKIKNYLKDFDYGNQDFSGDKERNNGLTEAWLESSLKISPEEQIQFLRK
IINHNLPVKNSAIENTIENMYLQDLDNSTKLYGKTGAGFTANRTLQNGWFEGFIISKSGHKYVFVSALTGNLGSNLTSSI
KAKKNAITILNTLNL
;
_entity_poly.pdbx_strand_id   A,B
#
# COMPACT_ATOMS: atom_id res chain seq x y z
N SER A 1 22.41 37.76 -16.21
CA SER A 1 22.66 36.53 -15.41
C SER A 1 23.83 36.74 -14.44
N THR A 2 24.66 35.72 -14.31
CA THR A 2 25.81 35.79 -13.42
C THR A 2 26.76 34.64 -13.66
N ASP A 3 27.93 34.95 -14.21
CA ASP A 3 28.93 33.92 -14.48
C ASP A 3 29.67 33.61 -13.18
N ILE A 4 29.64 32.33 -12.78
CA ILE A 4 30.30 31.93 -11.54
C ILE A 4 31.54 31.07 -11.79
N SER A 5 32.22 31.31 -12.90
CA SER A 5 33.42 30.56 -13.25
C SER A 5 34.47 30.59 -12.14
N THR A 6 34.62 31.74 -11.49
CA THR A 6 35.60 31.89 -10.41
C THR A 6 35.47 30.80 -9.36
N VAL A 7 34.24 30.43 -9.02
CA VAL A 7 33.99 29.41 -8.02
C VAL A 7 33.82 28.02 -8.61
N ALA A 8 33.14 27.95 -9.75
CA ALA A 8 32.86 26.67 -10.40
C ALA A 8 34.05 26.02 -11.12
N SER A 9 34.90 26.83 -11.73
CA SER A 9 36.05 26.31 -12.47
C SER A 9 36.87 25.25 -11.76
N PRO A 10 37.41 25.55 -10.56
CA PRO A 10 38.20 24.53 -9.87
C PRO A 10 37.40 23.29 -9.50
N LEU A 11 36.11 23.48 -9.20
CA LEU A 11 35.25 22.37 -8.82
C LEU A 11 35.03 21.38 -9.97
N PHE A 12 35.05 21.89 -11.20
CA PHE A 12 34.83 21.06 -12.37
C PHE A 12 36.09 20.73 -13.16
N GLU A 13 37.25 21.16 -12.67
CA GLU A 13 38.50 20.91 -13.38
C GLU A 13 38.70 19.40 -13.57
N GLY A 14 39.11 19.01 -14.77
CA GLY A 14 39.33 17.61 -15.06
C GLY A 14 38.13 17.01 -15.78
N THR A 15 37.10 17.82 -15.95
CA THR A 15 35.88 17.38 -16.63
C THR A 15 35.29 18.55 -17.41
N GLU A 16 34.28 18.24 -18.22
CA GLU A 16 33.55 19.26 -18.97
C GLU A 16 32.30 19.43 -18.11
N GLY A 17 32.28 20.47 -17.29
CA GLY A 17 31.15 20.68 -16.40
C GLY A 17 30.23 21.81 -16.76
N CYS A 18 29.11 21.88 -16.05
CA CYS A 18 28.11 22.91 -16.27
C CYS A 18 27.25 23.09 -15.04
N PHE A 19 26.80 24.32 -14.80
CA PHE A 19 25.93 24.60 -13.68
C PHE A 19 24.93 25.67 -14.09
N LEU A 20 23.67 25.46 -13.72
CA LEU A 20 22.61 26.41 -14.04
C LEU A 20 21.67 26.60 -12.85
N LEU A 21 21.32 27.86 -12.59
CA LEU A 21 20.39 28.17 -11.50
C LEU A 21 19.42 29.21 -12.06
N TYR A 22 18.14 28.88 -12.07
CA TYR A 22 17.10 29.78 -12.58
C TYR A 22 16.01 30.06 -11.56
N ASP A 23 15.36 31.22 -11.70
CA ASP A 23 14.26 31.53 -10.81
C ASP A 23 13.11 30.69 -11.35
N ALA A 24 12.44 29.95 -10.47
CA ALA A 24 11.34 29.09 -10.88
C ALA A 24 10.19 29.82 -11.58
N SER A 25 9.66 30.84 -10.91
CA SER A 25 8.53 31.60 -11.44
C SER A 25 8.78 32.42 -12.70
N THR A 26 9.86 33.19 -12.73
CA THR A 26 10.15 34.07 -13.86
C THR A 26 11.08 33.56 -14.97
N ASN A 27 11.81 32.48 -14.71
CA ASN A 27 12.74 31.92 -15.68
C ASN A 27 13.98 32.80 -15.88
N ALA A 28 14.25 33.67 -14.92
CA ALA A 28 15.42 34.53 -15.00
C ALA A 28 16.64 33.70 -14.63
N GLU A 29 17.71 33.82 -15.40
CA GLU A 29 18.94 33.07 -15.12
C GLU A 29 19.67 33.77 -13.99
N ILE A 30 19.90 33.05 -12.89
CA ILE A 30 20.58 33.62 -11.72
C ILE A 30 22.09 33.37 -11.75
N ALA A 31 22.49 32.17 -12.14
CA ALA A 31 23.91 31.83 -12.20
C ALA A 31 24.15 30.78 -13.27
N GLN A 32 25.33 30.83 -13.89
CA GLN A 32 25.66 29.86 -14.92
C GLN A 32 27.15 29.63 -15.08
N PHE A 33 27.49 28.43 -15.53
CA PHE A 33 28.87 28.06 -15.77
C PHE A 33 28.95 27.15 -17.00
N ASN A 34 29.77 27.55 -17.96
CA ASN A 34 29.99 26.80 -19.20
C ASN A 34 28.71 26.46 -19.97
N LYS A 35 28.08 27.49 -20.50
CA LYS A 35 26.83 27.35 -21.26
C LYS A 35 26.93 26.36 -22.43
N ALA A 36 28.13 26.24 -23.02
CA ALA A 36 28.32 25.33 -24.13
C ALA A 36 27.97 23.90 -23.72
N LYS A 37 28.42 23.51 -22.55
CA LYS A 37 28.14 22.17 -22.04
C LYS A 37 26.66 22.05 -21.65
N CYS A 38 26.09 23.13 -21.13
CA CYS A 38 24.69 23.16 -20.72
C CYS A 38 23.73 22.88 -21.88
N ALA A 39 24.14 23.21 -23.10
CA ALA A 39 23.29 23.01 -24.27
C ALA A 39 23.45 21.62 -24.90
N THR A 40 24.38 20.83 -24.40
CA THR A 40 24.63 19.50 -24.94
C THR A 40 23.75 18.42 -24.33
N GLN A 41 23.07 17.66 -25.18
CA GLN A 41 22.20 16.59 -24.70
C GLN A 41 23.00 15.33 -24.38
N MET A 42 22.59 14.63 -23.32
CA MET A 42 23.22 13.37 -22.93
C MET A 42 22.17 12.56 -22.20
N ALA A 43 22.43 11.29 -21.96
CA ALA A 43 21.48 10.42 -21.28
C ALA A 43 21.14 10.97 -19.90
N PRO A 44 19.86 10.96 -19.53
CA PRO A 44 19.45 11.47 -18.22
C PRO A 44 19.78 10.51 -17.08
N ASP A 45 19.96 9.24 -17.43
CA ASP A 45 20.26 8.21 -16.43
C ASP A 45 19.22 8.28 -15.31
N SER A 46 19.62 8.14 -14.06
CA SER A 46 18.61 8.15 -12.99
C SER A 46 17.82 9.42 -12.76
N THR A 47 18.19 10.53 -13.39
CA THR A 47 17.38 11.75 -13.21
C THR A 47 16.04 11.51 -13.91
N PHE A 48 15.97 10.49 -14.75
CA PHE A 48 14.73 10.19 -15.45
C PHE A 48 13.67 9.71 -14.45
N ILE A 50 12.65 11.24 -12.05
CA ILE A 50 11.79 12.38 -11.74
C ILE A 50 10.57 12.29 -12.67
N ALA A 51 10.83 12.06 -13.96
CA ALA A 51 9.76 11.93 -14.94
C ALA A 51 8.91 10.69 -14.67
N LEU A 52 9.56 9.56 -14.39
CA LEU A 52 8.82 8.32 -14.13
C LEU A 52 7.94 8.44 -12.88
N SER A 53 8.40 9.18 -11.88
CA SER A 53 7.62 9.35 -10.67
C SER A 53 6.33 10.10 -11.02
N LEU A 54 6.45 11.14 -11.85
CA LEU A 54 5.28 11.91 -12.25
C LEU A 54 4.30 11.01 -12.99
N MET A 55 4.82 10.18 -13.89
CA MET A 55 3.98 9.26 -14.67
C MET A 55 3.26 8.24 -13.78
N ALA A 56 4.02 7.63 -12.88
CA ALA A 56 3.49 6.61 -11.97
C ALA A 56 2.39 7.14 -11.06
N PHE A 57 2.59 8.32 -10.47
CA PHE A 57 1.58 8.89 -9.60
C PHE A 57 0.38 9.37 -10.41
N ASP A 58 0.61 9.95 -11.58
CA ASP A 58 -0.49 10.44 -12.40
C ASP A 58 -1.36 9.31 -12.94
N ALA A 59 -0.74 8.19 -13.29
CA ALA A 59 -1.46 7.04 -13.81
C ALA A 59 -2.05 6.20 -12.68
N GLU A 60 -1.79 6.66 -11.46
CA GLU A 60 -2.26 5.99 -10.25
C GLU A 60 -1.84 4.53 -10.11
N ILE A 61 -0.62 4.20 -10.53
CA ILE A 61 -0.15 2.83 -10.40
C ILE A 61 0.68 2.66 -9.13
N ILE A 62 0.97 3.76 -8.45
CA ILE A 62 1.68 3.70 -7.19
C ILE A 62 1.09 4.74 -6.25
N ASP A 63 1.30 4.53 -4.95
CA ASP A 63 0.83 5.41 -3.90
C ASP A 63 2.04 5.55 -2.98
N GLN A 64 2.05 6.56 -2.11
CA GLN A 64 3.15 6.73 -1.19
C GLN A 64 3.27 5.50 -0.27
N LYS A 65 2.18 4.76 -0.12
CA LYS A 65 2.15 3.56 0.72
C LYS A 65 2.63 2.29 0.01
N THR A 66 2.83 2.38 -1.30
CA THR A 66 3.25 1.22 -2.08
C THR A 66 4.61 0.65 -1.68
N ILE A 67 4.68 -0.67 -1.56
CA ILE A 67 5.93 -1.35 -1.24
C ILE A 67 6.33 -2.23 -2.42
N PHE A 68 7.50 -1.94 -3.01
CA PHE A 68 7.99 -2.73 -4.12
C PHE A 68 8.75 -3.93 -3.56
N LYS A 69 8.30 -5.13 -3.92
CA LYS A 69 8.91 -6.37 -3.42
C LYS A 69 10.08 -6.90 -4.26
N TRP A 70 11.24 -7.02 -3.63
CA TRP A 70 12.45 -7.54 -4.28
C TRP A 70 12.17 -8.98 -4.71
N ASP A 71 12.59 -9.34 -5.92
CA ASP A 71 12.35 -10.70 -6.42
C ASP A 71 13.34 -11.75 -5.91
N LYS A 72 14.18 -11.36 -4.95
CA LYS A 72 15.17 -12.24 -4.35
C LYS A 72 16.40 -12.60 -5.18
N THR A 73 16.54 -12.02 -6.37
CA THR A 73 17.72 -12.31 -7.20
C THR A 73 18.68 -11.12 -7.08
N PRO A 74 19.99 -11.40 -7.04
CA PRO A 74 21.03 -10.35 -6.93
C PRO A 74 20.89 -9.30 -8.02
N LYS A 75 20.88 -8.03 -7.62
CA LYS A 75 20.72 -6.93 -8.57
C LYS A 75 21.99 -6.18 -8.97
N GLY A 76 23.11 -6.45 -8.29
CA GLY A 76 24.35 -5.77 -8.64
C GLY A 76 24.88 -4.83 -7.58
N MET A 77 23.96 -4.16 -6.87
CA MET A 77 24.29 -3.24 -5.79
C MET A 77 23.53 -3.76 -4.58
N GLU A 78 24.21 -3.94 -3.45
CA GLU A 78 23.54 -4.50 -2.28
C GLU A 78 22.30 -3.75 -1.80
N ILE A 79 22.32 -2.42 -1.87
CA ILE A 79 21.17 -1.65 -1.40
C ILE A 79 19.92 -1.90 -2.25
N TRP A 80 20.11 -2.45 -3.45
CA TRP A 80 18.98 -2.76 -4.33
C TRP A 80 18.36 -4.11 -3.98
N ASN A 81 19.10 -4.93 -3.23
CA ASN A 81 18.61 -6.25 -2.85
C ASN A 81 17.71 -6.21 -1.61
N SER A 82 16.63 -5.45 -1.69
CA SER A 82 15.68 -5.31 -0.59
C SER A 82 14.39 -4.66 -1.08
N ASN A 83 13.37 -4.64 -0.23
CA ASN A 83 12.11 -4.03 -0.60
C ASN A 83 12.27 -2.51 -0.55
N HIS A 84 11.54 -1.82 -1.42
CA HIS A 84 11.64 -0.36 -1.48
C HIS A 84 10.29 0.34 -1.52
N THR A 85 10.32 1.66 -1.34
CA THR A 85 9.13 2.50 -1.36
C THR A 85 9.36 3.56 -2.43
N PRO A 86 8.34 4.36 -2.75
CA PRO A 86 8.58 5.39 -3.77
C PRO A 86 9.68 6.36 -3.34
N LYS A 87 9.86 6.52 -2.03
CA LYS A 87 10.89 7.40 -1.51
C LYS A 87 12.29 6.79 -1.66
N THR A 88 12.47 5.54 -1.23
CA THR A 88 13.79 4.93 -1.33
C THR A 88 14.16 4.59 -2.78
N TRP A 89 13.16 4.47 -3.64
CA TRP A 89 13.37 4.21 -5.05
C TRP A 89 14.22 5.36 -5.61
N MET A 90 13.84 6.59 -5.25
CA MET A 90 14.54 7.79 -5.67
C MET A 90 15.90 7.90 -4.95
N GLN A 91 15.85 7.77 -3.64
CA GLN A 91 17.04 7.87 -2.81
C GLN A 91 18.20 6.99 -3.23
N PHE A 92 17.92 5.72 -3.51
CA PHE A 92 18.97 4.77 -3.88
C PHE A 92 19.00 4.42 -5.36
N SER A 93 18.30 5.20 -6.18
CA SER A 93 18.27 4.97 -7.63
C SER A 93 18.03 3.52 -7.98
N VAL A 94 16.96 2.94 -7.45
CA VAL A 94 16.65 1.53 -7.67
C VAL A 94 16.06 1.28 -9.05
N VAL A 95 16.94 0.96 -10.00
CA VAL A 95 16.55 0.72 -11.38
C VAL A 95 15.46 -0.34 -11.56
N TRP A 96 15.52 -1.44 -10.81
CA TRP A 96 14.51 -2.46 -11.01
C TRP A 96 13.09 -1.98 -10.70
N VAL A 97 12.95 -0.99 -9.83
CA VAL A 97 11.64 -0.44 -9.52
C VAL A 97 11.16 0.34 -10.75
N SER A 98 12.05 1.12 -11.34
CA SER A 98 11.69 1.89 -12.53
C SER A 98 11.20 0.95 -13.63
N GLN A 99 11.89 -0.18 -13.78
CA GLN A 99 11.54 -1.15 -14.82
C GLN A 99 10.19 -1.81 -14.58
N GLU A 100 9.79 -1.94 -13.32
CA GLU A 100 8.49 -2.53 -13.01
C GLU A 100 7.44 -1.49 -13.40
N ILE A 101 7.75 -0.22 -13.15
CA ILE A 101 6.85 0.87 -13.47
C ILE A 101 6.66 1.09 -14.97
N THR A 102 7.76 1.06 -15.73
CA THR A 102 7.63 1.25 -17.17
C THR A 102 6.85 0.12 -17.84
N GLN A 103 7.02 -1.10 -17.35
CA GLN A 103 6.30 -2.22 -17.93
C GLN A 103 4.81 -2.12 -17.64
N LYS A 104 4.46 -1.55 -16.49
CA LYS A 104 3.06 -1.38 -16.12
C LYS A 104 2.40 -0.28 -16.96
N ILE A 105 3.12 0.84 -17.12
CA ILE A 105 2.61 1.97 -17.89
C ILE A 105 2.50 1.63 -19.37
N GLY A 106 3.51 0.96 -19.91
CA GLY A 106 3.50 0.60 -21.32
C GLY A 106 4.12 1.66 -22.21
N LEU A 107 4.71 1.22 -23.32
CA LEU A 107 5.37 2.13 -24.26
C LEU A 107 4.52 3.25 -24.83
N ASN A 108 3.30 2.95 -25.27
CA ASN A 108 2.43 3.96 -25.83
C ASN A 108 2.18 5.12 -24.86
N LYS A 109 1.87 4.79 -23.60
CA LYS A 109 1.62 5.81 -22.59
C LYS A 109 2.87 6.62 -22.28
N ILE A 110 4.02 5.94 -22.24
CA ILE A 110 5.28 6.62 -21.97
C ILE A 110 5.54 7.64 -23.07
N LYS A 111 5.32 7.23 -24.32
CA LYS A 111 5.52 8.14 -25.45
C LYS A 111 4.63 9.39 -25.32
N ASN A 112 3.40 9.22 -24.86
CA ASN A 112 2.51 10.37 -24.69
C ASN A 112 3.01 11.28 -23.57
N TYR A 113 3.49 10.70 -22.46
CA TYR A 113 4.01 11.52 -21.37
C TYR A 113 5.25 12.28 -21.81
N LEU A 114 6.08 11.67 -22.66
CA LEU A 114 7.29 12.33 -23.14
C LEU A 114 6.92 13.60 -23.92
N LYS A 115 5.80 13.56 -24.64
CA LYS A 115 5.36 14.74 -25.39
C LYS A 115 4.85 15.78 -24.40
N ASP A 116 4.04 15.33 -23.43
CA ASP A 116 3.48 16.20 -22.40
C ASP A 116 4.61 16.93 -21.66
N PHE A 117 5.72 16.23 -21.46
CA PHE A 117 6.86 16.78 -20.73
C PHE A 117 7.89 17.48 -21.61
N ASP A 118 7.72 17.40 -22.92
CA ASP A 118 8.68 17.99 -23.87
C ASP A 118 10.06 17.50 -23.41
N TYR A 119 10.18 16.19 -23.24
CA TYR A 119 11.41 15.60 -22.72
C TYR A 119 12.55 15.29 -23.69
N GLY A 120 13.41 16.27 -23.91
CA GLY A 120 14.56 16.08 -24.79
C GLY A 120 14.23 15.52 -26.16
N ASN A 121 15.01 14.53 -26.60
CA ASN A 121 14.78 13.94 -27.92
C ASN A 121 13.63 12.93 -27.95
N GLN A 122 13.03 12.68 -26.79
CA GLN A 122 11.90 11.76 -26.67
C GLN A 122 12.11 10.41 -27.36
N ASP A 123 13.36 9.93 -27.41
CA ASP A 123 13.65 8.67 -28.06
C ASP A 123 13.73 7.52 -27.05
N PHE A 124 12.65 6.73 -26.99
CA PHE A 124 12.57 5.62 -26.05
C PHE A 124 12.73 4.27 -26.76
N SER A 125 13.46 4.27 -27.87
CA SER A 125 13.66 3.04 -28.65
C SER A 125 14.70 2.08 -28.07
N GLY A 126 15.57 2.59 -27.20
CA GLY A 126 16.57 1.73 -26.59
C GLY A 126 17.64 1.25 -27.55
N ASP A 127 18.13 0.03 -27.35
CA ASP A 127 19.17 -0.53 -28.21
C ASP A 127 18.55 -1.38 -29.32
N GLU A 129 17.24 -3.93 -31.86
CA GLU A 129 18.27 -4.93 -31.66
C GLU A 129 17.92 -5.85 -30.50
N ARG A 130 17.97 -5.32 -29.28
CA ARG A 130 17.65 -6.09 -28.09
C ARG A 130 16.23 -5.78 -27.64
N ASN A 131 15.59 -4.84 -28.32
CA ASN A 131 14.23 -4.42 -28.00
C ASN A 131 14.09 -4.25 -26.49
N ASN A 132 14.97 -3.44 -25.92
CA ASN A 132 14.99 -3.19 -24.48
C ASN A 132 14.68 -1.75 -24.10
N GLY A 133 14.11 -0.99 -25.03
CA GLY A 133 13.80 0.40 -24.72
C GLY A 133 12.95 0.59 -23.49
N LEU A 134 11.90 -0.22 -23.37
CA LEU A 134 11.00 -0.13 -22.25
C LEU A 134 11.68 -0.23 -20.89
N THR A 135 12.78 -0.97 -20.82
CA THR A 135 13.51 -1.14 -19.56
C THR A 135 14.92 -0.55 -19.47
N GLU A 136 15.39 0.10 -20.52
CA GLU A 136 16.74 0.67 -20.47
C GLU A 136 16.97 1.95 -21.28
N ALA A 137 15.94 2.45 -21.95
CA ALA A 137 16.09 3.64 -22.79
C ALA A 137 16.71 4.87 -22.15
N TRP A 138 16.54 5.03 -20.84
CA TRP A 138 17.05 6.20 -20.14
C TRP A 138 18.43 6.03 -19.53
N LEU A 139 18.99 4.83 -19.63
CA LEU A 139 20.29 4.53 -19.07
C LEU A 139 21.38 4.42 -20.14
N GLU A 140 22.07 5.54 -20.38
CA GLU A 140 23.12 5.64 -21.38
C GLU A 140 22.70 4.88 -22.63
N SER A 141 21.52 5.23 -23.13
CA SER A 141 20.94 4.60 -24.30
C SER A 141 20.40 5.64 -25.30
N SER A 142 19.19 5.41 -25.80
CA SER A 142 18.60 6.30 -26.80
C SER A 142 18.12 7.66 -26.33
N LEU A 143 17.57 7.72 -25.12
CA LEU A 143 17.02 8.98 -24.60
C LEU A 143 18.11 9.97 -24.21
N LYS A 144 17.97 11.20 -24.69
CA LYS A 144 18.94 12.27 -24.41
C LYS A 144 18.23 13.59 -24.12
N ILE A 145 18.82 14.38 -23.23
CA ILE A 145 18.27 15.67 -22.85
C ILE A 145 19.42 16.54 -22.35
N SER A 146 19.34 17.85 -22.57
CA SER A 146 20.42 18.74 -22.14
C SER A 146 20.12 19.40 -20.79
N PRO A 147 21.17 19.93 -20.13
CA PRO A 147 20.95 20.59 -18.84
C PRO A 147 19.95 21.75 -18.98
N GLU A 148 20.05 22.50 -20.09
CA GLU A 148 19.13 23.61 -20.32
C GLU A 148 17.70 23.09 -20.42
N GLU A 149 17.53 21.96 -21.11
CA GLU A 149 16.22 21.35 -21.26
C GLU A 149 15.70 20.83 -19.93
N GLN A 150 16.60 20.30 -19.10
CA GLN A 150 16.19 19.79 -17.78
C GLN A 150 15.72 20.96 -16.91
N ILE A 151 16.35 22.13 -17.04
CA ILE A 151 15.96 23.30 -16.27
C ILE A 151 14.49 23.65 -16.55
N GLN A 152 14.12 23.68 -17.82
CA GLN A 152 12.76 24.01 -18.19
C GLN A 152 11.75 22.95 -17.74
N PHE A 153 12.17 21.68 -17.76
CA PHE A 153 11.30 20.59 -17.31
C PHE A 153 11.04 20.79 -15.81
N LEU A 154 12.09 21.07 -15.05
CA LEU A 154 11.96 21.28 -13.61
C LEU A 154 11.07 22.49 -13.31
N ARG A 155 11.17 23.54 -14.12
CA ARG A 155 10.33 24.71 -13.91
C ARG A 155 8.86 24.34 -14.10
N LYS A 156 8.56 23.60 -15.17
CA LYS A 156 7.19 23.18 -15.45
C LYS A 156 6.62 22.35 -14.31
N ILE A 157 7.47 21.56 -13.67
CA ILE A 157 7.02 20.72 -12.56
C ILE A 157 6.59 21.57 -11.37
N ILE A 158 7.52 22.35 -10.82
CA ILE A 158 7.21 23.15 -9.65
C ILE A 158 6.18 24.25 -9.89
N ASN A 159 6.03 24.68 -11.14
CA ASN A 159 5.03 25.71 -11.46
C ASN A 159 3.69 25.06 -11.82
N HIS A 160 3.66 23.74 -11.80
CA HIS A 160 2.46 22.97 -12.14
C HIS A 160 1.97 23.25 -13.56
N ASN A 161 2.91 23.44 -14.47
CA ASN A 161 2.60 23.70 -15.87
C ASN A 161 2.72 22.42 -16.70
N LEU A 162 2.18 21.33 -16.17
CA LEU A 162 2.19 20.04 -16.84
C LEU A 162 0.80 19.43 -16.73
N PRO A 163 0.38 18.66 -17.74
CA PRO A 163 -0.94 18.02 -17.74
C PRO A 163 -1.01 16.75 -16.90
N VAL A 164 -0.68 16.87 -15.62
CA VAL A 164 -0.73 15.74 -14.69
C VAL A 164 -1.33 16.22 -13.36
N LYS A 165 -1.77 15.30 -12.54
CA LYS A 165 -2.37 15.65 -11.25
C LYS A 165 -1.42 16.48 -10.40
N ASN A 166 -1.96 17.47 -9.69
CA ASN A 166 -1.13 18.32 -8.84
C ASN A 166 -0.45 17.47 -7.77
N SER A 167 -1.14 16.46 -7.27
CA SER A 167 -0.60 15.59 -6.23
C SER A 167 0.58 14.77 -6.76
N ALA A 168 0.55 14.42 -8.04
CA ALA A 168 1.63 13.64 -8.63
C ALA A 168 2.91 14.48 -8.60
N ILE A 169 2.75 15.78 -8.85
CA ILE A 169 3.88 16.69 -8.83
C ILE A 169 4.42 16.88 -7.42
N GLU A 170 3.55 17.19 -6.46
CA GLU A 170 4.01 17.40 -5.10
C GLU A 170 4.53 16.13 -4.41
N ASN A 171 3.95 14.97 -4.74
CA ASN A 171 4.45 13.74 -4.12
C ASN A 171 5.85 13.45 -4.65
N THR A 172 6.08 13.76 -5.93
CA THR A 172 7.39 13.54 -6.52
C THR A 172 8.43 14.47 -5.89
N ILE A 173 8.07 15.74 -5.73
CA ILE A 173 8.99 16.72 -5.13
C ILE A 173 9.31 16.32 -3.69
N GLU A 174 8.29 15.91 -2.95
CA GLU A 174 8.48 15.50 -1.56
C GLU A 174 9.49 14.36 -1.48
N ASN A 175 9.37 13.40 -2.39
CA ASN A 175 10.27 12.25 -2.42
C ASN A 175 11.69 12.58 -2.87
N MET A 176 11.89 13.82 -3.30
CA MET A 176 13.21 14.30 -3.73
C MET A 176 13.89 15.08 -2.62
N TYR A 177 13.17 15.37 -1.53
CA TYR A 177 13.78 16.14 -0.44
C TYR A 177 15.02 15.44 0.10
N LEU A 178 16.09 16.20 0.29
CA LEU A 178 17.35 15.66 0.78
C LEU A 178 17.82 16.24 2.10
N GLN A 179 17.90 17.57 2.17
CA GLN A 179 18.38 18.23 3.38
C GLN A 179 18.19 19.74 3.29
N ASP A 180 18.57 20.44 4.36
CA ASP A 180 18.53 21.89 4.39
C ASP A 180 19.98 22.36 4.24
N LEU A 181 20.18 23.47 3.55
CA LEU A 181 21.51 24.02 3.35
C LEU A 181 21.93 24.87 4.55
N ASP A 182 23.11 25.47 4.48
CA ASP A 182 23.63 26.29 5.56
C ASP A 182 22.72 27.41 6.07
N ASN A 183 22.03 28.08 5.16
CA ASN A 183 21.14 29.18 5.56
C ASN A 183 19.67 28.76 5.68
N SER A 184 19.45 27.46 5.87
CA SER A 184 18.11 26.90 6.02
C SER A 184 17.34 26.68 4.72
N THR A 185 17.94 27.01 3.58
CA THR A 185 17.27 26.80 2.30
C THR A 185 17.10 25.29 2.12
N LYS A 186 15.90 24.87 1.69
CA LYS A 186 15.63 23.46 1.52
C LYS A 186 16.05 22.92 0.15
N LEU A 187 16.72 21.78 0.17
CA LEU A 187 17.22 21.13 -1.04
C LEU A 187 16.46 19.86 -1.43
N TYR A 188 15.95 19.84 -2.65
CA TYR A 188 15.22 18.70 -3.22
C TYR A 188 15.98 18.33 -4.49
N GLY A 189 16.44 17.09 -4.61
CA GLY A 189 17.17 16.75 -5.82
C GLY A 189 17.23 15.29 -6.19
N LYS A 190 17.86 15.01 -7.33
CA LYS A 190 18.01 13.64 -7.82
C LYS A 190 19.31 13.52 -8.59
N THR A 191 20.08 12.46 -8.30
CA THR A 191 21.34 12.19 -8.98
C THR A 191 21.12 11.29 -10.19
N GLY A 192 22.11 11.27 -11.08
CA GLY A 192 22.08 10.42 -12.25
C GLY A 192 23.51 10.22 -12.72
N ALA A 193 23.89 9.00 -13.09
CA ALA A 193 25.26 8.76 -13.55
C ALA A 193 25.36 7.53 -14.42
N GLY A 194 26.39 7.49 -15.26
CA GLY A 194 26.60 6.34 -16.12
C GLY A 194 27.83 6.52 -16.99
N PHE A 195 28.28 5.42 -17.59
CA PHE A 195 29.44 5.47 -18.49
C PHE A 195 28.93 5.66 -19.91
N THR A 196 29.61 6.49 -20.68
CA THR A 196 29.23 6.73 -22.06
C THR A 196 29.42 5.43 -22.83
N ALA A 197 28.41 5.06 -23.63
CA ALA A 197 28.49 3.82 -24.41
C ALA A 197 29.74 3.80 -25.30
N ASN A 198 30.44 2.67 -25.28
CA ASN A 198 31.63 2.47 -26.10
C ASN A 198 32.82 3.37 -25.76
N ARG A 199 32.78 4.02 -24.60
CA ARG A 199 33.86 4.92 -24.20
C ARG A 199 34.17 4.76 -22.70
N THR A 200 35.23 5.41 -22.24
CA THR A 200 35.62 5.33 -20.83
C THR A 200 35.02 6.46 -20.00
N LEU A 201 34.49 7.48 -20.68
CA LEU A 201 33.90 8.64 -20.01
C LEU A 201 32.72 8.36 -19.10
N GLN A 202 32.57 9.20 -18.08
CA GLN A 202 31.47 9.13 -17.13
C GLN A 202 30.64 10.40 -17.26
N ASN A 203 29.31 10.26 -17.16
CA ASN A 203 28.41 11.41 -17.20
C ASN A 203 27.77 11.46 -15.82
N GLY A 204 27.55 12.68 -15.31
CA GLY A 204 26.94 12.81 -14.00
C GLY A 204 25.99 13.98 -13.90
N TRP A 205 24.93 13.79 -13.10
CA TRP A 205 23.90 14.81 -12.87
C TRP A 205 23.49 14.91 -11.42
N PHE A 206 23.08 16.11 -11.03
CA PHE A 206 22.47 16.37 -9.73
C PHE A 206 21.63 17.59 -10.02
N GLU A 207 20.31 17.43 -9.96
CA GLU A 207 19.42 18.53 -10.27
C GLU A 207 18.19 18.54 -9.39
N GLY A 208 17.51 19.67 -9.34
CA GLY A 208 16.32 19.75 -8.51
C GLY A 208 15.82 21.14 -8.20
N PHE A 209 15.30 21.29 -6.98
CA PHE A 209 14.74 22.56 -6.54
C PHE A 209 15.33 23.01 -5.21
N ILE A 210 15.27 24.31 -4.97
CA ILE A 210 15.69 24.86 -3.69
C ILE A 210 14.60 25.85 -3.29
N ILE A 211 14.25 25.86 -2.01
CA ILE A 211 13.24 26.78 -1.52
C ILE A 211 13.87 27.57 -0.38
N SER A 212 14.09 28.86 -0.61
CA SER A 212 14.68 29.73 0.39
C SER A 212 13.74 29.83 1.58
N LYS A 213 14.29 30.23 2.73
CA LYS A 213 13.47 30.36 3.93
C LYS A 213 12.36 31.38 3.68
N SER A 214 12.61 32.31 2.76
CA SER A 214 11.63 33.33 2.42
C SER A 214 10.49 32.70 1.63
N GLY A 215 10.77 31.53 1.06
CA GLY A 215 9.77 30.83 0.27
C GLY A 215 10.03 30.96 -1.21
N HIS A 216 11.05 31.72 -1.59
CA HIS A 216 11.38 31.91 -2.99
C HIS A 216 11.90 30.59 -3.57
N LYS A 217 11.39 30.21 -4.74
CA LYS A 217 11.77 28.95 -5.37
C LYS A 217 12.69 29.11 -6.57
N TYR A 218 13.64 28.17 -6.71
CA TYR A 218 14.57 28.17 -7.84
C TYR A 218 14.76 26.72 -8.30
N VAL A 219 15.27 26.56 -9.52
CA VAL A 219 15.57 25.24 -10.06
C VAL A 219 17.04 25.26 -10.43
N PHE A 220 17.69 24.12 -10.36
CA PHE A 220 19.11 24.06 -10.68
C PHE A 220 19.52 22.73 -11.31
N VAL A 221 20.63 22.78 -12.03
CA VAL A 221 21.19 21.58 -12.65
C VAL A 221 22.72 21.67 -12.59
N SER A 222 23.34 20.60 -12.10
CA SER A 222 24.79 20.47 -12.02
C SER A 222 25.08 19.21 -12.85
N ALA A 223 25.88 19.33 -13.89
CA ALA A 223 26.18 18.19 -14.75
C ALA A 223 27.61 18.19 -15.26
N LEU A 224 28.12 17.02 -15.63
CA LEU A 224 29.49 16.92 -16.12
C LEU A 224 29.74 15.63 -16.88
N THR A 225 30.82 15.64 -17.65
CA THR A 225 31.24 14.47 -18.43
C THR A 225 32.76 14.49 -18.36
N GLY A 226 33.35 13.33 -18.08
CA GLY A 226 34.81 13.29 -18.00
C GLY A 226 35.37 11.94 -17.65
N ASN A 227 36.69 11.82 -17.74
CA ASN A 227 37.39 10.58 -17.40
C ASN A 227 37.71 10.61 -15.91
N LEU A 228 36.90 9.91 -15.13
CA LEU A 228 37.09 9.85 -13.68
C LEU A 228 37.44 8.44 -13.22
N GLY A 229 37.95 7.62 -14.15
CA GLY A 229 38.33 6.26 -13.78
C GLY A 229 37.24 5.22 -13.94
N SER A 230 37.45 4.06 -13.33
CA SER A 230 36.50 2.96 -13.40
C SER A 230 35.46 2.96 -12.28
N ASN A 231 35.59 3.88 -11.34
CA ASN A 231 34.64 3.99 -10.24
C ASN A 231 33.67 5.12 -10.58
N LEU A 232 32.39 4.79 -10.70
CA LEU A 232 31.37 5.77 -11.07
C LEU A 232 31.12 6.81 -9.96
N THR A 233 31.78 7.96 -10.08
CA THR A 233 31.66 9.02 -9.08
C THR A 233 31.23 10.35 -9.67
N SER A 234 30.81 10.34 -10.93
CA SER A 234 30.38 11.56 -11.59
C SER A 234 29.21 12.28 -10.91
N SER A 235 28.22 11.54 -10.43
CA SER A 235 27.09 12.21 -9.76
C SER A 235 27.45 12.62 -8.34
N ILE A 236 28.39 11.91 -7.72
CA ILE A 236 28.84 12.27 -6.38
C ILE A 236 29.51 13.64 -6.50
N LYS A 237 30.31 13.79 -7.56
CA LYS A 237 31.01 15.06 -7.80
C LYS A 237 30.02 16.17 -8.18
N ALA A 238 29.08 15.85 -9.07
CA ALA A 238 28.10 16.85 -9.48
C ALA A 238 27.29 17.34 -8.28
N LYS A 239 26.92 16.43 -7.38
CA LYS A 239 26.15 16.80 -6.21
C LYS A 239 26.96 17.65 -5.24
N LYS A 240 28.20 17.23 -4.97
CA LYS A 240 29.07 17.97 -4.08
C LYS A 240 29.28 19.38 -4.62
N ASN A 241 29.50 19.50 -5.92
CA ASN A 241 29.72 20.80 -6.53
C ASN A 241 28.46 21.69 -6.43
N ALA A 242 27.29 21.09 -6.60
CA ALA A 242 26.05 21.86 -6.51
C ALA A 242 25.87 22.44 -5.12
N ILE A 243 26.09 21.63 -4.10
CA ILE A 243 25.93 22.06 -2.71
C ILE A 243 26.96 23.12 -2.33
N THR A 244 28.17 22.99 -2.84
CA THR A 244 29.22 23.97 -2.55
C THR A 244 28.82 25.31 -3.14
N ILE A 245 28.37 25.29 -4.39
CA ILE A 245 27.97 26.50 -5.09
C ILE A 245 26.73 27.15 -4.45
N LEU A 246 25.71 26.34 -4.18
CA LEU A 246 24.49 26.87 -3.58
C LEU A 246 24.74 27.53 -2.23
N ASN A 247 25.61 26.95 -1.42
CA ASN A 247 25.91 27.54 -0.11
C ASN A 247 26.66 28.85 -0.28
N THR A 248 27.53 28.91 -1.28
CA THR A 248 28.30 30.13 -1.52
C THR A 248 27.38 31.26 -1.99
N LEU A 249 26.42 30.95 -2.85
CA LEU A 249 25.47 31.94 -3.36
C LEU A 249 24.58 32.47 -2.23
N ASN A 250 24.44 31.67 -1.18
CA ASN A 250 23.63 32.05 -0.03
C ASN A 250 22.23 32.52 -0.42
N LEU A 251 21.54 31.72 -1.23
CA LEU A 251 20.19 32.05 -1.67
C LEU A 251 19.16 31.25 -0.88
N SER B 1 -33.24 -26.44 24.29
CA SER B 1 -32.75 -26.23 22.91
C SER B 1 -33.43 -27.15 21.92
N THR B 2 -34.47 -26.66 21.26
CA THR B 2 -35.21 -27.45 20.29
C THR B 2 -34.31 -27.94 19.16
N ASP B 3 -34.30 -29.25 18.93
CA ASP B 3 -33.49 -29.84 17.88
C ASP B 3 -34.17 -29.57 16.54
N ILE B 4 -33.44 -28.93 15.63
CA ILE B 4 -33.98 -28.60 14.31
C ILE B 4 -33.34 -29.42 13.19
N SER B 5 -32.91 -30.63 13.51
CA SER B 5 -32.28 -31.52 12.53
C SER B 5 -33.15 -31.77 11.30
N THR B 6 -34.46 -31.85 11.52
CA THR B 6 -35.40 -32.09 10.42
C THR B 6 -35.29 -31.05 9.30
N VAL B 7 -34.96 -29.81 9.66
CA VAL B 7 -34.84 -28.76 8.66
C VAL B 7 -33.39 -28.45 8.31
N ALA B 8 -32.50 -28.60 9.30
CA ALA B 8 -31.08 -28.30 9.11
C ALA B 8 -30.27 -29.39 8.40
N SER B 9 -30.58 -30.66 8.68
CA SER B 9 -29.82 -31.75 8.07
C SER B 9 -29.71 -31.71 6.55
N PRO B 10 -30.82 -31.45 5.83
CA PRO B 10 -30.72 -31.41 4.37
C PRO B 10 -29.85 -30.27 3.87
N LEU B 11 -29.90 -29.15 4.59
CA LEU B 11 -29.12 -27.96 4.24
C LEU B 11 -27.62 -28.17 4.43
N PHE B 12 -27.25 -29.03 5.37
CA PHE B 12 -25.84 -29.30 5.65
C PHE B 12 -25.33 -30.63 5.11
N GLU B 13 -26.19 -31.36 4.40
CA GLU B 13 -25.78 -32.65 3.84
C GLU B 13 -24.54 -32.50 2.96
N GLY B 14 -23.59 -33.42 3.15
CA GLY B 14 -22.36 -33.36 2.38
C GLY B 14 -21.24 -32.68 3.14
N THR B 15 -21.56 -32.23 4.35
CA THR B 15 -20.58 -31.55 5.21
C THR B 15 -20.89 -31.85 6.67
N GLU B 16 -19.98 -31.43 7.54
CA GLU B 16 -20.16 -31.57 8.98
C GLU B 16 -20.63 -30.19 9.40
N GLY B 17 -21.93 -30.04 9.58
CA GLY B 17 -22.49 -28.75 9.95
C GLY B 17 -22.93 -28.54 11.38
N CYS B 18 -23.21 -27.30 11.71
CA CYS B 18 -23.63 -26.92 13.06
C CYS B 18 -24.43 -25.63 13.04
N PHE B 19 -25.44 -25.54 13.89
CA PHE B 19 -26.24 -24.33 13.99
C PHE B 19 -26.62 -24.13 15.45
N LEU B 20 -26.53 -22.89 15.91
CA LEU B 20 -26.87 -22.54 17.28
C LEU B 20 -27.58 -21.21 17.32
N LEU B 21 -28.61 -21.12 18.15
CA LEU B 21 -29.39 -19.90 18.33
C LEU B 21 -29.66 -19.76 19.83
N TYR B 22 -29.14 -18.70 20.43
CA TYR B 22 -29.31 -18.44 21.86
C TYR B 22 -29.98 -17.11 22.14
N ASP B 23 -30.63 -17.01 23.29
CA ASP B 23 -31.26 -15.77 23.69
C ASP B 23 -30.10 -14.90 24.16
N ALA B 24 -30.05 -13.65 23.69
CA ALA B 24 -28.97 -12.74 24.07
C ALA B 24 -28.85 -12.50 25.57
N SER B 25 -29.92 -12.02 26.18
CA SER B 25 -29.89 -11.69 27.60
C SER B 25 -29.83 -12.85 28.60
N THR B 26 -30.59 -13.91 28.36
CA THR B 26 -30.62 -15.04 29.31
C THR B 26 -29.69 -16.22 29.03
N ASN B 27 -29.20 -16.32 27.80
CA ASN B 27 -28.29 -17.41 27.41
C ASN B 27 -29.00 -18.75 27.30
N ALA B 28 -30.32 -18.71 27.11
CA ALA B 28 -31.09 -19.94 26.96
C ALA B 28 -30.94 -20.41 25.51
N GLU B 29 -30.69 -21.70 25.33
CA GLU B 29 -30.53 -22.25 23.98
C GLU B 29 -31.90 -22.40 23.35
N ILE B 30 -32.10 -21.75 22.21
CA ILE B 30 -33.39 -21.80 21.52
C ILE B 30 -33.43 -22.95 20.50
N ALA B 31 -32.42 -23.01 19.64
CA ALA B 31 -32.36 -24.06 18.63
C ALA B 31 -30.93 -24.54 18.41
N GLN B 32 -30.79 -25.81 18.05
CA GLN B 32 -29.46 -26.37 17.81
C GLN B 32 -29.45 -27.53 16.83
N PHE B 33 -28.30 -27.72 16.18
CA PHE B 33 -28.10 -28.79 15.22
C PHE B 33 -26.66 -29.29 15.31
N ASN B 34 -26.51 -30.59 15.55
CA ASN B 34 -25.20 -31.23 15.65
C ASN B 34 -24.28 -30.57 16.68
N LYS B 35 -24.67 -30.65 17.95
CA LYS B 35 -23.89 -30.08 19.05
C LYS B 35 -22.44 -30.54 19.09
N ALA B 36 -22.16 -31.73 18.57
CA ALA B 36 -20.80 -32.26 18.56
C ALA B 36 -19.88 -31.35 17.73
N LYS B 37 -20.36 -30.93 16.58
CA LYS B 37 -19.59 -30.05 15.70
C LYS B 37 -19.46 -28.67 16.33
N CYS B 38 -20.50 -28.27 17.05
CA CYS B 38 -20.52 -26.97 17.72
C CYS B 38 -19.44 -26.79 18.77
N ALA B 39 -18.99 -27.90 19.37
CA ALA B 39 -17.96 -27.83 20.40
C ALA B 39 -16.54 -27.91 19.85
N THR B 40 -16.42 -28.17 18.54
CA THR B 40 -15.11 -28.28 17.91
C THR B 40 -14.54 -26.94 17.49
N GLN B 41 -13.31 -26.67 17.92
CA GLN B 41 -12.65 -25.41 17.57
C GLN B 41 -12.03 -25.46 16.17
N MET B 42 -12.05 -24.33 15.49
CA MET B 42 -11.43 -24.20 14.17
C MET B 42 -11.11 -22.73 13.95
N ALA B 43 -10.29 -22.44 12.94
CA ALA B 43 -9.90 -21.07 12.65
C ALA B 43 -11.11 -20.17 12.44
N PRO B 44 -11.11 -18.97 13.05
CA PRO B 44 -12.25 -18.06 12.90
C PRO B 44 -12.28 -17.40 11.53
N ASP B 45 -11.12 -17.36 10.87
CA ASP B 45 -10.99 -16.72 9.57
C ASP B 45 -11.58 -15.30 9.64
N SER B 46 -12.32 -14.85 8.63
CA SER B 46 -12.83 -13.48 8.68
C SER B 46 -13.82 -13.11 9.78
N THR B 47 -14.33 -14.09 10.53
CA THR B 47 -15.24 -13.72 11.62
C THR B 47 -14.42 -13.00 12.69
N PHE B 48 -13.09 -13.13 12.62
CA PHE B 48 -12.22 -12.47 13.58
C PHE B 48 -12.28 -10.94 13.40
N ILE B 50 -14.77 -9.25 13.63
CA ILE B 50 -15.68 -8.74 14.66
C ILE B 50 -14.83 -8.29 15.85
N ALA B 51 -13.88 -9.13 16.26
CA ALA B 51 -13.00 -8.82 17.37
C ALA B 51 -12.07 -7.66 17.03
N LEU B 52 -11.51 -7.67 15.82
CA LEU B 52 -10.60 -6.61 15.40
C LEU B 52 -11.31 -5.25 15.35
N SER B 53 -12.59 -5.25 14.97
CA SER B 53 -13.33 -3.99 14.91
C SER B 53 -13.46 -3.42 16.33
N LEU B 54 -13.75 -4.29 17.29
CA LEU B 54 -13.89 -3.85 18.68
C LEU B 54 -12.56 -3.24 19.14
N MET B 55 -11.46 -3.91 18.82
CA MET B 55 -10.14 -3.43 19.20
C MET B 55 -9.81 -2.08 18.57
N ALA B 56 -10.02 -1.98 17.27
CA ALA B 56 -9.73 -0.75 16.52
C ALA B 56 -10.51 0.46 17.02
N PHE B 57 -11.80 0.30 17.28
CA PHE B 57 -12.59 1.42 17.76
C PHE B 57 -12.24 1.74 19.22
N ASP B 58 -12.02 0.71 20.04
CA ASP B 58 -11.70 0.94 21.44
C ASP B 58 -10.36 1.64 21.60
N ALA B 59 -9.39 1.26 20.76
CA ALA B 59 -8.06 1.85 20.80
C ALA B 59 -8.03 3.22 20.11
N GLU B 60 -9.16 3.60 19.53
CA GLU B 60 -9.31 4.88 18.84
C GLU B 60 -8.37 5.06 17.65
N ILE B 61 -8.07 3.98 16.94
CA ILE B 61 -7.19 4.09 15.78
C ILE B 61 -7.98 4.32 14.49
N ILE B 62 -9.31 4.15 14.57
CA ILE B 62 -10.18 4.38 13.42
C ILE B 62 -11.51 4.90 13.95
N ASP B 63 -12.28 5.54 13.07
CA ASP B 63 -13.61 6.02 13.40
C ASP B 63 -14.47 5.74 12.17
N GLN B 64 -15.76 6.02 12.23
CA GLN B 64 -16.64 5.74 11.10
C GLN B 64 -16.32 6.52 9.83
N LYS B 65 -15.50 7.55 9.95
CA LYS B 65 -15.12 8.36 8.79
C LYS B 65 -13.77 7.97 8.19
N THR B 66 -13.13 6.96 8.78
CA THR B 66 -11.83 6.49 8.30
C THR B 66 -11.92 5.90 6.89
N ILE B 67 -10.95 6.24 6.04
CA ILE B 67 -10.90 5.69 4.70
C ILE B 67 -9.56 4.98 4.53
N PHE B 68 -9.61 3.67 4.35
CA PHE B 68 -8.40 2.88 4.15
C PHE B 68 -8.00 3.00 2.69
N LYS B 69 -6.78 3.48 2.44
CA LYS B 69 -6.28 3.68 1.08
C LYS B 69 -5.55 2.49 0.47
N TRP B 70 -6.01 2.08 -0.71
CA TRP B 70 -5.40 0.96 -1.42
C TRP B 70 -4.01 1.39 -1.92
N ASP B 71 -3.04 0.49 -1.79
CA ASP B 71 -1.67 0.79 -2.21
C ASP B 71 -1.39 0.53 -3.70
N LYS B 72 -2.45 0.34 -4.48
CA LYS B 72 -2.34 0.11 -5.92
C LYS B 72 -1.78 -1.24 -6.37
N THR B 73 -1.47 -2.13 -5.43
CA THR B 73 -0.94 -3.44 -5.79
C THR B 73 -2.03 -4.50 -5.67
N PRO B 74 -2.15 -5.39 -6.68
CA PRO B 74 -3.16 -6.46 -6.68
C PRO B 74 -3.15 -7.26 -5.38
N LYS B 75 -4.33 -7.40 -4.78
CA LYS B 75 -4.46 -8.12 -3.52
C LYS B 75 -5.00 -9.55 -3.65
N GLY B 76 -5.39 -9.96 -4.85
CA GLY B 76 -5.88 -11.31 -5.04
C GLY B 76 -7.36 -11.44 -5.36
N MET B 77 -8.14 -10.47 -4.91
CA MET B 77 -9.58 -10.43 -5.13
C MET B 77 -9.85 -9.00 -5.61
N GLU B 78 -10.52 -8.85 -6.75
CA GLU B 78 -10.75 -7.51 -7.28
C GLU B 78 -11.43 -6.50 -6.36
N ILE B 79 -12.41 -6.93 -5.57
CA ILE B 79 -13.10 -6.00 -4.68
C ILE B 79 -12.15 -5.45 -3.61
N TRP B 80 -11.03 -6.13 -3.38
CA TRP B 80 -10.05 -5.65 -2.40
C TRP B 80 -9.16 -4.58 -3.00
N ASN B 81 -9.12 -4.48 -4.32
CA ASN B 81 -8.28 -3.50 -5.00
C ASN B 81 -8.94 -2.14 -5.14
N SER B 82 -9.27 -1.55 -4.00
CA SER B 82 -9.93 -0.25 -3.96
C SER B 82 -9.92 0.29 -2.53
N ASN B 83 -10.37 1.53 -2.37
CA ASN B 83 -10.41 2.14 -1.04
C ASN B 83 -11.58 1.57 -0.27
N HIS B 84 -11.43 1.46 1.04
CA HIS B 84 -12.48 0.91 1.89
C HIS B 84 -12.76 1.73 3.15
N THR B 85 -13.87 1.42 3.80
CA THR B 85 -14.28 2.08 5.03
C THR B 85 -14.44 0.99 6.08
N PRO B 86 -14.66 1.36 7.36
CA PRO B 86 -14.83 0.31 8.36
C PRO B 86 -16.01 -0.61 8.02
N LYS B 87 -16.99 -0.07 7.30
CA LYS B 87 -18.15 -0.86 6.91
C LYS B 87 -17.82 -1.84 5.78
N THR B 88 -17.19 -1.35 4.71
CA THR B 88 -16.88 -2.23 3.58
C THR B 88 -15.77 -3.23 3.91
N TRP B 89 -14.96 -2.89 4.91
CA TRP B 89 -13.90 -3.78 5.38
C TRP B 89 -14.56 -5.09 5.84
N MET B 90 -15.66 -4.96 6.59
CA MET B 90 -16.42 -6.11 7.08
C MET B 90 -17.19 -6.78 5.94
N GLN B 91 -17.95 -5.97 5.21
CA GLN B 91 -18.76 -6.48 4.11
C GLN B 91 -18.01 -7.33 3.09
N PHE B 92 -16.81 -6.90 2.72
CA PHE B 92 -16.03 -7.62 1.72
C PHE B 92 -14.82 -8.38 2.25
N SER B 93 -14.76 -8.54 3.57
CA SER B 93 -13.67 -9.28 4.22
C SER B 93 -12.30 -8.85 3.70
N VAL B 94 -12.03 -7.55 3.74
CA VAL B 94 -10.77 -7.02 3.24
C VAL B 94 -9.61 -7.26 4.20
N VAL B 95 -8.91 -8.37 3.97
CA VAL B 95 -7.80 -8.77 4.82
C VAL B 95 -6.70 -7.72 4.99
N TRP B 96 -6.31 -7.03 3.92
CA TRP B 96 -5.25 -6.05 4.06
C TRP B 96 -5.57 -4.93 5.04
N VAL B 97 -6.85 -4.62 5.20
CA VAL B 97 -7.25 -3.59 6.16
C VAL B 97 -7.00 -4.14 7.57
N SER B 98 -7.36 -5.40 7.79
CA SER B 98 -7.14 -6.03 9.08
C SER B 98 -5.65 -5.99 9.44
N GLN B 99 -4.81 -6.27 8.45
CA GLN B 99 -3.37 -6.30 8.65
C GLN B 99 -2.82 -4.91 9.00
N GLU B 100 -3.42 -3.86 8.47
CA GLU B 100 -2.97 -2.51 8.80
C GLU B 100 -3.35 -2.25 10.25
N ILE B 101 -4.52 -2.72 10.65
CA ILE B 101 -5.01 -2.55 12.00
C ILE B 101 -4.19 -3.33 13.03
N THR B 102 -3.87 -4.59 12.75
CA THR B 102 -3.08 -5.36 13.71
C THR B 102 -1.67 -4.78 13.88
N GLN B 103 -1.11 -4.26 12.80
CA GLN B 103 0.23 -3.67 12.87
C GLN B 103 0.23 -2.44 13.77
N LYS B 104 -0.85 -1.68 13.70
CA LYS B 104 -0.97 -0.46 14.50
C LYS B 104 -1.18 -0.77 15.98
N ILE B 105 -2.08 -1.72 16.26
CA ILE B 105 -2.37 -2.10 17.64
C ILE B 105 -1.19 -2.79 18.32
N GLY B 106 -0.56 -3.72 17.61
CA GLY B 106 0.59 -4.42 18.19
C GLY B 106 0.22 -5.75 18.83
N LEU B 107 1.14 -6.69 18.77
CA LEU B 107 0.93 -8.02 19.33
C LEU B 107 0.56 -8.05 20.81
N ASN B 108 1.27 -7.26 21.62
CA ASN B 108 1.00 -7.25 23.05
C ASN B 108 -0.42 -6.82 23.38
N LYS B 109 -0.90 -5.76 22.75
CA LYS B 109 -2.25 -5.28 23.01
C LYS B 109 -3.29 -6.28 22.52
N ILE B 110 -2.99 -6.95 21.40
CA ILE B 110 -3.91 -7.96 20.88
C ILE B 110 -4.06 -9.09 21.89
N LYS B 111 -2.93 -9.55 22.44
CA LYS B 111 -2.97 -10.63 23.42
C LYS B 111 -3.85 -10.23 24.62
N ASN B 112 -3.73 -8.97 25.04
CA ASN B 112 -4.53 -8.49 26.17
C ASN B 112 -6.02 -8.50 25.81
N TYR B 113 -6.35 -8.07 24.59
CA TYR B 113 -7.74 -8.07 24.15
C TYR B 113 -8.29 -9.50 24.08
N LEU B 114 -7.47 -10.45 23.64
CA LEU B 114 -7.91 -11.83 23.53
C LEU B 114 -8.33 -12.38 24.91
N LYS B 115 -7.66 -11.92 25.95
CA LYS B 115 -8.02 -12.36 27.30
C LYS B 115 -9.34 -11.69 27.70
N ASP B 116 -9.47 -10.41 27.37
CA ASP B 116 -10.69 -9.66 27.67
C ASP B 116 -11.90 -10.28 26.97
N PHE B 117 -11.69 -10.81 25.78
CA PHE B 117 -12.76 -11.40 24.99
C PHE B 117 -12.90 -12.90 25.23
N ASP B 118 -11.98 -13.49 25.98
CA ASP B 118 -11.98 -14.93 26.25
C ASP B 118 -12.14 -15.62 24.90
N TYR B 119 -11.26 -15.24 23.97
CA TYR B 119 -11.33 -15.72 22.59
C TYR B 119 -10.67 -17.07 22.24
N GLY B 120 -11.42 -18.15 22.40
CA GLY B 120 -10.93 -19.47 22.08
C GLY B 120 -9.59 -19.84 22.70
N ASN B 121 -8.68 -20.39 21.89
CA ASN B 121 -7.37 -20.79 22.41
C ASN B 121 -6.39 -19.63 22.55
N GLN B 122 -6.84 -18.44 22.17
CA GLN B 122 -6.03 -17.24 22.28
C GLN B 122 -4.60 -17.39 21.74
N ASP B 123 -4.41 -18.26 20.76
CA ASP B 123 -3.06 -18.47 20.21
C ASP B 123 -2.84 -17.61 18.97
N PHE B 124 -2.09 -16.52 19.15
CA PHE B 124 -1.81 -15.58 18.06
C PHE B 124 -0.36 -15.69 17.59
N SER B 125 0.24 -16.87 17.76
CA SER B 125 1.62 -17.08 17.35
C SER B 125 1.82 -17.22 15.84
N GLY B 126 0.76 -17.57 15.13
CA GLY B 126 0.85 -17.72 13.69
C GLY B 126 1.61 -18.99 13.30
N ASP B 127 2.35 -18.93 12.20
CA ASP B 127 3.11 -20.08 11.73
C ASP B 127 4.59 -19.93 12.05
N GLU B 129 7.75 -21.05 11.55
CA GLU B 129 8.58 -20.02 12.16
C GLU B 129 8.78 -18.81 11.26
N ARG B 130 7.68 -18.31 10.71
CA ARG B 130 7.74 -17.16 9.83
C ARG B 130 7.37 -15.87 10.56
N ASN B 131 7.08 -16.00 11.86
CA ASN B 131 6.71 -14.83 12.65
C ASN B 131 5.71 -13.97 11.92
N ASN B 132 4.63 -14.59 11.45
CA ASN B 132 3.58 -13.88 10.71
C ASN B 132 2.27 -13.81 11.49
N GLY B 133 2.37 -13.89 12.82
CA GLY B 133 1.17 -13.83 13.65
C GLY B 133 0.32 -12.60 13.43
N LEU B 134 0.95 -11.42 13.47
CA LEU B 134 0.23 -10.16 13.28
C LEU B 134 -0.46 -10.05 11.93
N THR B 135 -0.02 -10.84 10.96
CA THR B 135 -0.60 -10.75 9.63
C THR B 135 -1.52 -11.90 9.18
N GLU B 136 -1.47 -13.04 9.87
CA GLU B 136 -2.30 -14.17 9.46
C GLU B 136 -2.74 -15.15 10.54
N ALA B 137 -2.49 -14.84 11.82
CA ALA B 137 -2.85 -15.77 12.88
C ALA B 137 -4.30 -16.25 12.90
N TRP B 138 -5.22 -15.41 12.40
CA TRP B 138 -6.64 -15.75 12.40
C TRP B 138 -7.12 -16.43 11.13
N LEU B 139 -6.22 -16.57 10.16
CA LEU B 139 -6.58 -17.17 8.88
C LEU B 139 -6.00 -18.58 8.71
N GLU B 140 -6.80 -19.58 9.07
CA GLU B 140 -6.41 -20.99 9.00
C GLU B 140 -4.98 -21.15 9.48
N SER B 141 -4.75 -20.61 10.68
CA SER B 141 -3.44 -20.62 11.31
C SER B 141 -3.54 -21.11 12.76
N SER B 142 -2.85 -20.42 13.66
CA SER B 142 -2.81 -20.80 15.07
C SER B 142 -4.08 -20.57 15.90
N LEU B 143 -4.76 -19.45 15.67
CA LEU B 143 -5.95 -19.10 16.43
C LEU B 143 -7.14 -20.01 16.11
N LYS B 144 -7.77 -20.54 17.15
CA LYS B 144 -8.92 -21.43 16.98
C LYS B 144 -10.01 -21.13 18.01
N ILE B 145 -11.27 -21.31 17.59
CA ILE B 145 -12.41 -21.06 18.46
C ILE B 145 -13.58 -21.91 17.97
N SER B 146 -14.44 -22.36 18.90
CA SER B 146 -15.58 -23.19 18.54
C SER B 146 -16.86 -22.39 18.37
N PRO B 147 -17.86 -22.97 17.71
CA PRO B 147 -19.14 -22.28 17.54
C PRO B 147 -19.76 -21.92 18.91
N GLU B 148 -19.65 -22.84 19.87
CA GLU B 148 -20.19 -22.58 21.21
C GLU B 148 -19.49 -21.37 21.83
N GLU B 149 -18.18 -21.30 21.66
CA GLU B 149 -17.38 -20.19 22.19
C GLU B 149 -17.72 -18.87 21.48
N GLN B 150 -17.99 -18.94 20.19
CA GLN B 150 -18.34 -17.74 19.43
C GLN B 150 -19.70 -17.21 19.92
N ILE B 151 -20.61 -18.11 20.28
CA ILE B 151 -21.92 -17.72 20.78
C ILE B 151 -21.75 -16.85 22.03
N GLN B 152 -20.93 -17.30 22.96
CA GLN B 152 -20.70 -16.56 24.19
C GLN B 152 -20.00 -15.22 23.94
N PHE B 153 -19.10 -15.19 22.96
CA PHE B 153 -18.41 -13.95 22.62
C PHE B 153 -19.44 -12.94 22.09
N LEU B 154 -20.31 -13.41 21.20
CA LEU B 154 -21.35 -12.56 20.63
C LEU B 154 -22.28 -12.05 21.73
N ARG B 155 -22.59 -12.90 22.70
CA ARG B 155 -23.46 -12.48 23.79
C ARG B 155 -22.84 -11.34 24.60
N LYS B 156 -21.56 -11.48 24.94
CA LYS B 156 -20.86 -10.45 25.70
C LYS B 156 -20.84 -9.12 24.96
N ILE B 157 -20.76 -9.18 23.64
CA ILE B 157 -20.74 -7.97 22.83
C ILE B 157 -22.06 -7.21 22.93
N ILE B 158 -23.15 -7.85 22.50
CA ILE B 158 -24.45 -7.20 22.52
C ILE B 158 -24.95 -6.86 23.92
N ASN B 159 -24.49 -7.60 24.92
CA ASN B 159 -24.87 -7.37 26.32
C ASN B 159 -23.96 -6.31 26.95
N HIS B 160 -22.95 -5.88 26.21
CA HIS B 160 -22.00 -4.88 26.71
C HIS B 160 -21.23 -5.38 27.93
N ASN B 161 -20.98 -6.68 27.97
CA ASN B 161 -20.24 -7.31 29.06
C ASN B 161 -18.79 -7.51 28.67
N LEU B 162 -18.17 -6.46 28.15
CA LEU B 162 -16.77 -6.49 27.76
C LEU B 162 -16.13 -5.19 28.20
N PRO B 163 -14.84 -5.22 28.57
CA PRO B 163 -14.16 -4.01 29.00
C PRO B 163 -13.68 -3.12 27.85
N VAL B 164 -14.63 -2.68 27.03
CA VAL B 164 -14.33 -1.82 25.90
C VAL B 164 -15.39 -0.71 25.81
N LYS B 165 -15.10 0.34 25.06
CA LYS B 165 -16.03 1.45 24.90
C LYS B 165 -17.38 0.96 24.37
N ASN B 166 -18.47 1.52 24.90
CA ASN B 166 -19.80 1.13 24.45
C ASN B 166 -19.96 1.46 22.97
N SER B 167 -19.36 2.57 22.55
CA SER B 167 -19.44 3.00 21.17
C SER B 167 -18.68 2.06 20.25
N ALA B 168 -17.63 1.43 20.76
CA ALA B 168 -16.84 0.49 19.97
C ALA B 168 -17.73 -0.71 19.65
N ILE B 169 -18.53 -1.12 20.62
CA ILE B 169 -19.44 -2.24 20.44
C ILE B 169 -20.55 -1.91 19.45
N GLU B 170 -21.26 -0.80 19.66
CA GLU B 170 -22.35 -0.45 18.77
C GLU B 170 -21.90 -0.05 17.36
N ASN B 171 -20.72 0.54 17.23
CA ASN B 171 -20.24 0.87 15.89
C ASN B 171 -19.93 -0.42 15.14
N THR B 172 -19.40 -1.41 15.86
CA THR B 172 -19.08 -2.69 15.24
C THR B 172 -20.36 -3.40 14.82
N ILE B 173 -21.36 -3.42 15.69
CA ILE B 173 -22.63 -4.07 15.36
C ILE B 173 -23.29 -3.39 14.16
N GLU B 174 -23.28 -2.06 14.15
CA GLU B 174 -23.86 -1.30 13.04
C GLU B 174 -23.22 -1.69 11.71
N ASN B 175 -21.90 -1.85 11.74
CA ASN B 175 -21.14 -2.20 10.54
C ASN B 175 -21.36 -3.63 10.08
N MET B 176 -22.05 -4.41 10.90
CA MET B 176 -22.38 -5.80 10.59
C MET B 176 -23.79 -5.93 10.04
N TYR B 177 -24.55 -4.84 10.02
CA TYR B 177 -25.92 -4.92 9.52
C TYR B 177 -25.93 -5.38 8.07
N LEU B 178 -26.81 -6.34 7.78
CA LEU B 178 -26.91 -6.89 6.43
C LEU B 178 -28.26 -6.69 5.75
N GLN B 179 -29.35 -7.04 6.43
CA GLN B 179 -30.68 -6.93 5.86
C GLN B 179 -31.76 -7.30 6.89
N ASP B 180 -33.02 -7.17 6.49
CA ASP B 180 -34.14 -7.56 7.33
C ASP B 180 -34.63 -8.89 6.78
N LEU B 181 -35.11 -9.77 7.67
CA LEU B 181 -35.62 -11.08 7.25
C LEU B 181 -37.08 -10.96 6.80
N ASP B 182 -37.68 -12.10 6.43
CA ASP B 182 -39.06 -12.12 5.97
C ASP B 182 -40.07 -11.42 6.88
N ASN B 183 -39.97 -11.65 8.18
CA ASN B 183 -40.90 -11.05 9.14
C ASN B 183 -40.40 -9.73 9.74
N SER B 184 -39.46 -9.10 9.04
CA SER B 184 -38.88 -7.82 9.45
C SER B 184 -37.80 -7.89 10.53
N THR B 185 -37.47 -9.09 10.98
CA THR B 185 -36.42 -9.26 11.99
C THR B 185 -35.13 -8.76 11.35
N LYS B 186 -34.34 -7.98 12.10
CA LYS B 186 -33.09 -7.44 11.57
C LYS B 186 -31.90 -8.39 11.73
N LEU B 187 -31.12 -8.52 10.64
CA LEU B 187 -29.96 -9.41 10.63
C LEU B 187 -28.62 -8.68 10.55
N TYR B 188 -27.75 -8.97 11.52
CA TYR B 188 -26.41 -8.39 11.58
C TYR B 188 -25.47 -9.59 11.61
N GLY B 189 -24.52 -9.66 10.67
CA GLY B 189 -23.64 -10.82 10.69
C GLY B 189 -22.31 -10.64 10.00
N LYS B 190 -21.48 -11.68 10.10
CA LYS B 190 -20.16 -11.68 9.48
C LYS B 190 -19.81 -13.09 9.03
N THR B 191 -19.29 -13.19 7.81
CA THR B 191 -18.88 -14.46 7.23
C THR B 191 -17.39 -14.73 7.46
N GLY B 192 -17.01 -15.99 7.33
CA GLY B 192 -15.62 -16.38 7.47
C GLY B 192 -15.41 -17.69 6.73
N ALA B 193 -14.31 -17.82 5.99
CA ALA B 193 -14.07 -19.05 5.25
C ALA B 193 -12.59 -19.28 4.96
N GLY B 194 -12.23 -20.54 4.74
CA GLY B 194 -10.86 -20.86 4.42
C GLY B 194 -10.63 -22.35 4.22
N PHE B 195 -9.50 -22.70 3.65
CA PHE B 195 -9.14 -24.11 3.43
C PHE B 195 -8.33 -24.58 4.62
N THR B 196 -8.60 -25.80 5.09
CA THR B 196 -7.84 -26.36 6.20
C THR B 196 -6.40 -26.57 5.77
N ALA B 197 -5.47 -26.16 6.62
CA ALA B 197 -4.05 -26.31 6.30
C ALA B 197 -3.69 -27.75 5.98
N ASN B 198 -2.92 -27.93 4.89
CA ASN B 198 -2.46 -29.24 4.47
C ASN B 198 -3.55 -30.22 4.02
N ARG B 199 -4.77 -29.72 3.85
CA ARG B 199 -5.89 -30.57 3.42
C ARG B 199 -6.74 -29.89 2.35
N THR B 200 -7.71 -30.63 1.81
CA THR B 200 -8.59 -30.09 0.78
C THR B 200 -9.88 -29.51 1.34
N LEU B 201 -10.17 -29.82 2.60
CA LEU B 201 -11.37 -29.34 3.29
C LEU B 201 -11.52 -27.83 3.39
N GLN B 202 -12.79 -27.40 3.43
CA GLN B 202 -13.16 -25.99 3.56
C GLN B 202 -13.92 -25.78 4.86
N ASN B 203 -13.65 -24.66 5.54
CA ASN B 203 -14.36 -24.33 6.77
C ASN B 203 -15.16 -23.07 6.47
N GLY B 204 -16.37 -22.99 7.01
CA GLY B 204 -17.21 -21.82 6.77
C GLY B 204 -17.99 -21.37 7.99
N TRP B 205 -18.17 -20.05 8.09
CA TRP B 205 -18.90 -19.43 9.19
C TRP B 205 -19.83 -18.32 8.72
N PHE B 206 -20.91 -18.15 9.47
CA PHE B 206 -21.82 -17.01 9.30
C PHE B 206 -22.45 -16.89 10.66
N GLU B 207 -22.14 -15.80 11.34
CA GLU B 207 -22.64 -15.60 12.70
C GLU B 207 -22.98 -14.14 12.96
N GLY B 208 -23.73 -13.91 14.03
CA GLY B 208 -24.10 -12.54 14.35
C GLY B 208 -25.29 -12.39 15.28
N PHE B 209 -26.06 -11.34 15.03
CA PHE B 209 -27.21 -11.02 15.87
C PHE B 209 -28.48 -10.85 15.05
N ILE B 210 -29.62 -11.06 15.70
CA ILE B 210 -30.91 -10.80 15.06
C ILE B 210 -31.72 -10.06 16.10
N ILE B 211 -32.50 -9.09 15.64
CA ILE B 211 -33.35 -8.30 16.53
C ILE B 211 -34.77 -8.38 15.99
N SER B 212 -35.63 -9.09 16.71
CA SER B 212 -37.03 -9.26 16.31
C SER B 212 -37.71 -7.90 16.30
N LYS B 213 -38.80 -7.80 15.55
CA LYS B 213 -39.54 -6.54 15.47
C LYS B 213 -40.00 -6.15 16.88
N SER B 214 -40.23 -7.16 17.72
CA SER B 214 -40.66 -6.91 19.10
C SER B 214 -39.51 -6.29 19.89
N GLY B 215 -38.29 -6.50 19.40
CA GLY B 215 -37.12 -5.97 20.06
C GLY B 215 -36.31 -7.04 20.78
N HIS B 216 -36.80 -8.28 20.76
CA HIS B 216 -36.09 -9.37 21.41
C HIS B 216 -34.81 -9.69 20.64
N LYS B 217 -33.70 -9.78 21.35
CA LYS B 217 -32.41 -10.05 20.74
C LYS B 217 -31.91 -11.48 20.91
N TYR B 218 -31.26 -12.00 19.87
CA TYR B 218 -30.68 -13.34 19.89
C TYR B 218 -29.33 -13.31 19.19
N VAL B 219 -28.52 -14.33 19.45
CA VAL B 219 -27.22 -14.46 18.79
C VAL B 219 -27.24 -15.82 18.12
N PHE B 220 -26.54 -15.95 17.00
CA PHE B 220 -26.53 -17.22 16.28
C PHE B 220 -25.20 -17.50 15.60
N VAL B 221 -24.96 -18.77 15.33
CA VAL B 221 -23.76 -19.20 14.64
C VAL B 221 -24.12 -20.37 13.71
N SER B 222 -23.69 -20.26 12.45
CA SER B 222 -23.89 -21.30 11.45
C SER B 222 -22.47 -21.63 11.00
N ALA B 223 -22.07 -22.88 11.11
CA ALA B 223 -20.71 -23.25 10.72
C ALA B 223 -20.66 -24.63 10.08
N LEU B 224 -19.60 -24.88 9.33
CA LEU B 224 -19.45 -26.17 8.66
C LEU B 224 -18.03 -26.42 8.17
N THR B 225 -17.74 -27.69 7.93
CA THR B 225 -16.43 -28.13 7.43
C THR B 225 -16.73 -29.27 6.45
N GLY B 226 -16.10 -29.25 5.28
CA GLY B 226 -16.33 -30.30 4.32
C GLY B 226 -15.62 -30.10 3.01
N ASN B 227 -15.68 -31.12 2.14
CA ASN B 227 -15.07 -31.04 0.83
C ASN B 227 -16.07 -30.44 -0.15
N LEU B 228 -15.85 -29.19 -0.51
CA LEU B 228 -16.74 -28.49 -1.44
C LEU B 228 -16.01 -28.07 -2.70
N GLY B 229 -14.88 -28.73 -2.99
CA GLY B 229 -14.12 -28.41 -4.19
C GLY B 229 -13.05 -27.34 -4.00
N SER B 230 -12.59 -26.79 -5.12
CA SER B 230 -11.55 -25.76 -5.12
C SER B 230 -12.07 -24.32 -5.02
N ASN B 231 -13.38 -24.17 -5.10
CA ASN B 231 -13.98 -22.83 -4.99
C ASN B 231 -14.47 -22.67 -3.56
N LEU B 232 -14.00 -21.63 -2.89
CA LEU B 232 -14.38 -21.37 -1.51
C LEU B 232 -15.82 -20.88 -1.40
N THR B 233 -16.72 -21.80 -1.08
CA THR B 233 -18.14 -21.47 -0.95
C THR B 233 -18.72 -21.87 0.40
N SER B 234 -17.85 -22.29 1.32
CA SER B 234 -18.29 -22.71 2.64
C SER B 234 -19.07 -21.65 3.41
N SER B 235 -18.65 -20.39 3.35
CA SER B 235 -19.39 -19.34 4.06
C SER B 235 -20.64 -18.93 3.31
N ILE B 236 -20.64 -19.06 1.99
CA ILE B 236 -21.82 -18.73 1.20
C ILE B 236 -22.91 -19.72 1.62
N LYS B 237 -22.52 -20.99 1.77
CA LYS B 237 -23.44 -22.03 2.19
C LYS B 237 -23.91 -21.83 3.63
N ALA B 238 -22.98 -21.54 4.53
CA ALA B 238 -23.32 -21.33 5.93
C ALA B 238 -24.30 -20.15 6.08
N LYS B 239 -24.08 -19.09 5.30
CA LYS B 239 -24.94 -17.91 5.37
C LYS B 239 -26.33 -18.22 4.82
N LYS B 240 -26.38 -18.89 3.68
CA LYS B 240 -27.64 -19.26 3.06
C LYS B 240 -28.45 -20.14 4.02
N ASN B 241 -27.78 -21.11 4.64
CA ASN B 241 -28.45 -22.01 5.57
C ASN B 241 -28.99 -21.26 6.78
N ALA B 242 -28.22 -20.30 7.30
CA ALA B 242 -28.64 -19.52 8.45
C ALA B 242 -29.90 -18.73 8.15
N ILE B 243 -29.93 -18.09 6.99
CA ILE B 243 -31.09 -17.29 6.60
C ILE B 243 -32.32 -18.18 6.39
N THR B 244 -32.12 -19.36 5.81
CA THR B 244 -33.23 -20.29 5.59
C THR B 244 -33.80 -20.73 6.93
N ILE B 245 -32.92 -21.10 7.85
CA ILE B 245 -33.34 -21.55 9.18
C ILE B 245 -34.03 -20.43 9.96
N LEU B 246 -33.45 -19.24 9.94
CA LEU B 246 -34.04 -18.11 10.68
C LEU B 246 -35.43 -17.74 10.18
N ASN B 247 -35.63 -17.77 8.86
CA ASN B 247 -36.94 -17.45 8.30
C ASN B 247 -37.95 -18.53 8.67
N THR B 248 -37.50 -19.78 8.72
CA THR B 248 -38.38 -20.89 9.06
C THR B 248 -38.83 -20.84 10.51
N LEU B 249 -37.94 -20.41 11.40
CA LEU B 249 -38.26 -20.31 12.82
C LEU B 249 -39.18 -19.12 13.08
N ASN B 250 -39.23 -18.21 12.13
CA ASN B 250 -40.08 -17.02 12.22
C ASN B 250 -39.93 -16.27 13.55
N LEU B 251 -38.70 -16.13 14.01
CA LEU B 251 -38.44 -15.41 15.26
C LEU B 251 -38.25 -13.92 15.00
#